data_9L5O
#
_entry.id   9L5O
#
_cell.length_a   73.366
_cell.length_b   49.478
_cell.length_c   90.225
_cell.angle_alpha   90.000
_cell.angle_beta   103.790
_cell.angle_gamma   90.000
#
_symmetry.space_group_name_H-M   'P 1 21 1'
#
loop_
_entity.id
_entity.type
_entity.pdbx_description
1 polymer 'microbial collagenase'
2 polymer LEU-SER-GLU-PRO-SER-GLN-GLN-VAL-THR-GLU-ILE-TYR-GLN-HIS-HIS-ALA-HIS-GLN-ASN-GLY-ASN
3 polymer ASP-TYR-ALA-PRO-THR-LYS-LEU-LEU-PRO-GLN-GLN-PRO
4 non-polymer GLYCEROL
5 non-polymer 'CALCIUM ION'
6 non-polymer 'ZINC ION'
7 water water
#
loop_
_entity_poly.entity_id
_entity_poly.type
_entity_poly.pdbx_seq_one_letter_code
_entity_poly.pdbx_strand_id
1 'polypeptide(L)'
;CDVEAFTSNSSNDVLNAIKTQGASCVNALFSAESRIQEAAFESGHMYNIAKHTTDLAKAYAGGGSDELEALFLYLRAGYY
AEFYNSKVSFLSWVTPAVKEAVDAFVNNANFYENSDPHGKVLSEVIITMDSAGLQHAYLPQVTQWLTRWDSQYAQNWYMR
NAVNGVFTILFGGQWNEQFVQTIGNQTELAKALGDFALRSSAIGASDEFMAANAGRELGRLTKYSGSASSTVKSKLTEIF
AQYEMYGRGDAIWLGAADTVSYYADCSDYGICNFESQLKGLVLSQSYTCSPTIRILSQNMTQDQHVAACSKMGYEEGYFH
TSLETGRQPVADDYNTQLQVNIFDSSDDYGKYAGPIFNISTNNGGMYLEGDPATPGNIPNFVAYEAPYANPDHFVWNLEH
EYVHYLDGRFDLYGGFGHPTERIVWWSEGIAEYVSKENDNQAAIDTIKDGSTFTLSEIFETSYDGFDVDRIARWGYLAVR
FMFERHKDDVNQMLIETRQGNWANYKATINQWAILYQSEFEQWQQALVLEHH
;
A
2 'polypeptide(L)' LSEPSQQVTEIYQHHAHQNGN B
3 'polypeptide(L)' DYAPTKLLPQQP C
#
loop_
_chem_comp.id
_chem_comp.type
_chem_comp.name
_chem_comp.formula
CA non-polymer 'CALCIUM ION' 'Ca 2'
GOL non-polymer GLYCEROL 'C3 H8 O3'
ZN non-polymer 'ZINC ION' 'Zn 2'
#
# COMPACT_ATOMS: atom_id res chain seq x y z
N CYS A 1 27.93 -10.18 -4.21
CA CYS A 1 27.67 -8.77 -4.52
C CYS A 1 28.64 -7.87 -3.77
N ASP A 2 29.05 -6.78 -4.42
CA ASP A 2 29.92 -5.77 -3.81
C ASP A 2 29.41 -4.40 -4.25
N VAL A 3 28.57 -3.80 -3.42
CA VAL A 3 27.91 -2.55 -3.82
C VAL A 3 28.92 -1.42 -4.00
N GLU A 4 30.06 -1.50 -3.32
CA GLU A 4 31.05 -0.42 -3.41
C GLU A 4 31.58 -0.26 -4.82
N ALA A 5 31.60 -1.33 -5.61
CA ALA A 5 32.13 -1.27 -6.97
C ALA A 5 31.30 -0.40 -7.91
N PHE A 6 30.09 0.01 -7.52
CA PHE A 6 29.30 0.94 -8.31
C PHE A 6 29.63 2.39 -8.03
N THR A 7 30.59 2.67 -7.13
CA THR A 7 30.89 4.04 -6.70
C THR A 7 32.05 4.68 -7.46
N SER A 8 32.86 3.90 -8.16
CA SER A 8 33.96 4.42 -8.97
C SER A 8 33.49 5.57 -9.85
N ASN A 9 34.39 6.55 -10.05
CA ASN A 9 34.10 7.63 -10.97
C ASN A 9 34.29 7.25 -12.42
N SER A 10 34.95 6.12 -12.71
CA SER A 10 35.03 5.62 -14.07
C SER A 10 33.72 4.90 -14.43
N SER A 11 33.08 5.33 -15.51
CA SER A 11 31.83 4.69 -15.93
C SER A 11 32.07 3.24 -16.36
N ASN A 12 33.25 2.95 -16.90
CA ASN A 12 33.57 1.57 -17.28
C ASN A 12 33.59 0.65 -16.08
N ASP A 13 34.14 1.11 -14.95
CA ASP A 13 34.04 0.35 -13.71
C ASP A 13 32.59 0.06 -13.37
N VAL A 14 31.73 1.08 -13.43
CA VAL A 14 30.33 0.87 -13.07
C VAL A 14 29.68 -0.11 -14.03
N LEU A 15 29.97 0.02 -15.34
CA LEU A 15 29.43 -0.92 -16.32
C LEU A 15 29.94 -2.33 -16.07
N ASN A 16 31.23 -2.47 -15.77
CA ASN A 16 31.79 -3.77 -15.42
C ASN A 16 31.10 -4.34 -14.19
N ALA A 17 30.79 -3.48 -13.22
CA ALA A 17 30.06 -3.94 -12.03
C ALA A 17 28.66 -4.41 -12.37
N ILE A 18 27.95 -3.67 -13.21
CA ILE A 18 26.59 -4.07 -13.58
C ILE A 18 26.61 -5.41 -14.29
N LYS A 19 27.47 -5.54 -15.29
CA LYS A 19 27.57 -6.77 -16.08
C LYS A 19 27.99 -7.95 -15.22
N THR A 20 29.04 -7.80 -14.42
CA THR A 20 29.57 -8.96 -13.70
C THR A 20 28.71 -9.32 -12.49
N GLN A 21 28.12 -8.33 -11.82
CA GLN A 21 27.34 -8.65 -10.62
C GLN A 21 25.87 -9.00 -10.91
N GLY A 22 25.27 -8.41 -11.94
CA GLY A 22 23.94 -8.80 -12.36
C GLY A 22 22.82 -8.11 -11.60
N ALA A 23 21.58 -8.39 -12.05
CA ALA A 23 20.42 -7.65 -11.55
C ALA A 23 20.25 -7.83 -10.05
N SER A 24 20.53 -9.03 -9.54
CA SER A 24 20.36 -9.31 -8.11
C SER A 24 21.22 -8.41 -7.24
N CYS A 25 22.42 -8.05 -7.69
CA CYS A 25 23.24 -7.13 -6.92
C CYS A 25 22.86 -5.67 -7.17
N VAL A 26 22.41 -5.36 -8.39
CA VAL A 26 21.92 -4.01 -8.69
C VAL A 26 20.75 -3.66 -7.79
N ASN A 27 19.96 -4.67 -7.40
CA ASN A 27 18.83 -4.45 -6.48
C ASN A 27 19.23 -3.65 -5.26
N ALA A 28 20.49 -3.78 -4.80
CA ALA A 28 20.93 -3.12 -3.57
C ALA A 28 20.90 -1.59 -3.70
N LEU A 29 21.09 -1.06 -4.90
CA LEU A 29 21.21 0.38 -5.07
C LEU A 29 19.92 1.11 -4.75
N PHE A 30 18.76 0.43 -4.82
CA PHE A 30 17.49 1.10 -4.50
C PHE A 30 17.48 1.58 -3.06
N SER A 31 18.10 0.83 -2.16
CA SER A 31 18.04 1.11 -0.73
C SER A 31 19.42 1.29 -0.12
N ALA A 32 20.41 1.64 -0.93
CA ALA A 32 21.75 1.87 -0.43
C ALA A 32 21.82 3.21 0.29
N GLU A 33 22.84 3.35 1.14
CA GLU A 33 23.06 4.63 1.81
C GLU A 33 23.34 5.71 0.77
N SER A 34 23.03 6.96 1.13
CA SER A 34 23.02 8.04 0.17
C SER A 34 24.36 8.19 -0.54
N ARG A 35 25.47 8.01 0.19
CA ARG A 35 26.78 8.14 -0.43
C ARG A 35 26.92 7.23 -1.64
N ILE A 36 26.46 5.98 -1.53
CA ILE A 36 26.57 5.07 -2.66
C ILE A 36 25.65 5.50 -3.80
N GLN A 37 24.45 5.96 -3.47
CA GLN A 37 23.51 6.40 -4.50
C GLN A 37 24.03 7.62 -5.26
N GLU A 38 24.57 8.62 -4.55
CA GLU A 38 25.09 9.80 -5.25
C GLU A 38 26.25 9.42 -6.18
N ALA A 39 27.03 8.40 -5.84
CA ALA A 39 28.15 7.99 -6.68
C ALA A 39 27.74 7.02 -7.77
N ALA A 40 26.83 6.08 -7.47
CA ALA A 40 26.38 5.16 -8.51
C ALA A 40 25.62 5.88 -9.62
N PHE A 41 24.82 6.87 -9.25
CA PHE A 41 23.90 7.51 -10.19
C PHE A 41 24.35 8.93 -10.55
N GLU A 42 25.65 9.14 -10.67
CA GLU A 42 26.15 10.34 -11.34
C GLU A 42 25.52 10.47 -12.71
N SER A 43 25.16 11.70 -13.08
CA SER A 43 24.56 11.93 -14.40
C SER A 43 25.40 11.33 -15.51
N GLY A 44 26.73 11.43 -15.38
CA GLY A 44 27.61 10.83 -16.38
C GLY A 44 27.52 9.31 -16.42
N HIS A 45 27.31 8.67 -15.27
CA HIS A 45 27.14 7.23 -15.28
C HIS A 45 25.83 6.84 -15.96
N MET A 46 24.74 7.52 -15.60
CA MET A 46 23.45 7.26 -16.23
C MET A 46 23.54 7.42 -17.74
N TYR A 47 24.29 8.42 -18.20
CA TYR A 47 24.41 8.66 -19.62
C TYR A 47 25.23 7.57 -20.30
N ASN A 48 26.42 7.29 -19.76
CA ASN A 48 27.31 6.31 -20.39
C ASN A 48 26.70 4.91 -20.34
N ILE A 49 26.01 4.59 -19.26
CA ILE A 49 25.40 3.28 -19.15
C ILE A 49 24.21 3.16 -20.10
N ALA A 50 23.45 4.24 -20.27
CA ALA A 50 22.38 4.22 -21.26
C ALA A 50 22.93 4.08 -22.67
N LYS A 51 24.07 4.71 -22.96
CA LYS A 51 24.65 4.61 -24.31
C LYS A 51 25.12 3.20 -24.61
N HIS A 52 25.72 2.55 -23.61
CA HIS A 52 26.07 1.14 -23.77
C HIS A 52 24.82 0.28 -23.91
N THR A 53 23.78 0.58 -23.13
CA THR A 53 22.55 -0.19 -23.21
C THR A 53 21.91 -0.07 -24.59
N THR A 54 21.96 1.12 -25.19
CA THR A 54 21.42 1.32 -26.53
C THR A 54 22.05 0.36 -27.54
N ASP A 55 23.39 0.25 -27.51
CA ASP A 55 24.08 -0.62 -28.46
C ASP A 55 23.76 -2.08 -28.21
N LEU A 56 23.69 -2.49 -26.94
CA LEU A 56 23.32 -3.86 -26.60
C LEU A 56 21.88 -4.16 -27.00
N ALA A 57 20.97 -3.21 -26.79
CA ALA A 57 19.57 -3.45 -27.16
C ALA A 57 19.41 -3.57 -28.67
N LYS A 58 20.15 -2.78 -29.44
CA LYS A 58 20.06 -2.92 -30.89
C LYS A 58 20.50 -4.32 -31.34
N ALA A 59 21.51 -4.89 -30.70
CA ALA A 59 22.02 -6.21 -31.07
C ALA A 59 21.22 -7.37 -30.50
N TYR A 60 20.32 -7.11 -29.54
CA TYR A 60 19.56 -8.16 -28.89
C TYR A 60 18.83 -9.04 -29.90
N ALA A 61 18.93 -10.36 -29.69
CA ALA A 61 18.43 -11.35 -30.64
C ALA A 61 17.31 -12.20 -30.04
N GLY A 62 16.71 -11.75 -28.95
CA GLY A 62 15.67 -12.51 -28.30
C GLY A 62 16.24 -13.50 -27.30
N GLY A 63 15.34 -14.19 -26.62
CA GLY A 63 15.76 -15.19 -25.64
C GLY A 63 16.26 -14.66 -24.31
N GLY A 64 15.98 -13.40 -23.97
CA GLY A 64 16.41 -12.85 -22.70
C GLY A 64 17.86 -12.39 -22.72
N SER A 65 18.23 -11.62 -21.70
CA SER A 65 19.60 -11.11 -21.59
C SER A 65 19.82 -10.69 -20.14
N ASP A 66 20.64 -11.45 -19.42
CA ASP A 66 20.97 -11.08 -18.05
C ASP A 66 21.55 -9.67 -17.98
N GLU A 67 22.39 -9.31 -18.96
CA GLU A 67 23.04 -8.01 -18.93
C GLU A 67 22.04 -6.87 -19.14
N LEU A 68 21.16 -7.00 -20.15
CA LEU A 68 20.18 -5.95 -20.37
C LEU A 68 19.19 -5.85 -19.21
N GLU A 69 18.80 -6.99 -18.61
CA GLU A 69 17.98 -6.88 -17.40
C GLU A 69 18.67 -6.04 -16.34
N ALA A 70 19.98 -6.25 -16.15
CA ALA A 70 20.73 -5.52 -15.13
C ALA A 70 20.88 -4.04 -15.50
N LEU A 71 21.13 -3.75 -16.77
CA LEU A 71 21.32 -2.36 -17.20
C LEU A 71 20.04 -1.54 -17.06
N PHE A 72 18.92 -2.05 -17.56
CA PHE A 72 17.68 -1.28 -17.44
C PHE A 72 17.23 -1.17 -15.99
N LEU A 73 17.44 -2.22 -15.19
CA LEU A 73 17.16 -2.09 -13.75
C LEU A 73 18.00 -0.97 -13.13
N TYR A 74 19.30 -0.95 -13.44
CA TYR A 74 20.15 0.13 -12.94
C TYR A 74 19.60 1.51 -13.31
N LEU A 75 19.23 1.69 -14.59
CA LEU A 75 18.76 3.01 -15.03
C LEU A 75 17.51 3.43 -14.27
N ARG A 76 16.53 2.54 -14.15
CA ARG A 76 15.34 2.95 -13.41
C ARG A 76 15.60 2.99 -11.92
N ALA A 77 16.57 2.22 -11.42
CA ALA A 77 17.02 2.40 -10.04
C ALA A 77 17.56 3.81 -9.82
N GLY A 78 18.26 4.34 -10.82
CA GLY A 78 18.70 5.73 -10.74
C GLY A 78 17.55 6.71 -10.64
N TYR A 79 16.46 6.46 -11.38
CA TYR A 79 15.35 7.41 -11.31
C TYR A 79 14.61 7.29 -9.98
N TYR A 80 14.53 6.07 -9.44
CA TYR A 80 14.04 5.87 -8.08
C TYR A 80 14.88 6.68 -7.08
N ALA A 81 16.21 6.53 -7.13
CA ALA A 81 17.09 7.29 -6.23
C ALA A 81 16.94 8.79 -6.43
N GLU A 82 16.83 9.25 -7.68
CA GLU A 82 16.71 10.68 -7.93
C GLU A 82 15.42 11.23 -7.33
N PHE A 83 14.37 10.44 -7.34
CA PHE A 83 13.08 10.91 -6.82
C PHE A 83 13.13 11.05 -5.30
N TYR A 84 13.74 10.09 -4.62
CA TYR A 84 13.69 10.03 -3.17
C TYR A 84 14.90 10.66 -2.48
N ASN A 85 15.99 10.86 -3.20
CA ASN A 85 17.23 11.41 -2.66
C ASN A 85 17.41 12.82 -3.19
N SER A 86 17.36 13.80 -2.28
CA SER A 86 17.54 15.20 -2.67
C SER A 86 18.96 15.48 -3.18
N LYS A 87 19.92 14.63 -2.86
CA LYS A 87 21.29 14.79 -3.31
C LYS A 87 21.59 14.07 -4.62
N VAL A 88 20.61 13.38 -5.20
CA VAL A 88 20.70 12.80 -6.53
C VAL A 88 19.74 13.58 -7.42
N SER A 89 20.28 14.26 -8.43
CA SER A 89 19.45 15.10 -9.29
C SER A 89 20.12 15.16 -10.66
N PHE A 90 19.46 14.60 -11.67
CA PHE A 90 20.09 14.42 -12.98
C PHE A 90 20.11 15.73 -13.75
N LEU A 91 21.21 15.95 -14.48
CA LEU A 91 21.27 17.00 -15.46
C LEU A 91 20.40 16.65 -16.66
N SER A 92 20.10 17.68 -17.46
CA SER A 92 19.06 17.55 -18.47
C SER A 92 19.42 16.61 -19.61
N TRP A 93 20.70 16.24 -19.74
CA TRP A 93 21.05 15.36 -20.86
C TRP A 93 20.99 13.87 -20.50
N VAL A 94 20.57 13.52 -19.29
CA VAL A 94 20.49 12.12 -18.91
C VAL A 94 19.28 11.45 -19.57
N THR A 95 18.09 12.00 -19.40
CA THR A 95 16.88 11.31 -19.86
C THR A 95 16.83 11.08 -21.37
N PRO A 96 17.25 11.99 -22.25
CA PRO A 96 17.28 11.62 -23.68
C PRO A 96 18.17 10.41 -23.96
N ALA A 97 19.27 10.22 -23.24
CA ALA A 97 20.07 9.01 -23.45
C ALA A 97 19.30 7.77 -23.00
N VAL A 98 18.61 7.85 -21.85
CA VAL A 98 17.76 6.74 -21.40
C VAL A 98 16.65 6.47 -22.42
N LYS A 99 16.03 7.53 -22.96
CA LYS A 99 14.96 7.34 -23.94
C LYS A 99 15.49 6.63 -25.18
N GLU A 100 16.72 6.94 -25.57
CA GLU A 100 17.32 6.29 -26.73
C GLU A 100 17.51 4.79 -26.49
N ALA A 101 17.90 4.42 -25.27
CA ALA A 101 18.08 3.01 -24.93
C ALA A 101 16.75 2.26 -24.91
N VAL A 102 15.71 2.86 -24.33
CA VAL A 102 14.38 2.25 -24.42
C VAL A 102 13.95 2.10 -25.87
N ASP A 103 14.14 3.17 -26.68
CA ASP A 103 13.86 3.08 -28.12
C ASP A 103 14.55 1.89 -28.76
N ALA A 104 15.81 1.66 -28.42
CA ALA A 104 16.56 0.58 -29.07
C ALA A 104 15.94 -0.78 -28.77
N PHE A 105 15.43 -0.96 -27.55
CA PHE A 105 14.79 -2.22 -27.21
C PHE A 105 13.41 -2.34 -27.84
N VAL A 106 12.67 -1.23 -27.87
CA VAL A 106 11.33 -1.21 -28.43
C VAL A 106 11.37 -1.48 -29.93
N ASN A 107 12.36 -0.91 -30.62
CA ASN A 107 12.43 -1.06 -32.07
C ASN A 107 13.04 -2.38 -32.49
N ASN A 108 13.54 -3.15 -31.54
CA ASN A 108 14.14 -4.44 -31.86
C ASN A 108 13.07 -5.41 -32.38
N ALA A 109 13.43 -6.19 -33.38
CA ALA A 109 12.48 -7.14 -33.97
C ALA A 109 11.94 -8.13 -32.94
N ASN A 110 12.63 -8.29 -31.81
CA ASN A 110 12.25 -9.28 -30.80
C ASN A 110 11.45 -8.68 -29.65
N PHE A 111 10.99 -7.44 -29.78
CA PHE A 111 10.34 -6.74 -28.67
C PHE A 111 9.12 -7.49 -28.14
N TYR A 112 8.31 -8.11 -29.03
CA TYR A 112 7.07 -8.76 -28.62
C TYR A 112 7.23 -10.27 -28.41
N GLU A 113 8.47 -10.75 -28.18
CA GLU A 113 8.68 -12.16 -27.90
C GLU A 113 7.88 -12.61 -26.66
N ASN A 114 7.41 -13.86 -26.70
CA ASN A 114 6.75 -14.47 -25.54
C ASN A 114 7.70 -15.49 -24.92
N SER A 115 8.36 -15.11 -23.83
CA SER A 115 9.15 -16.04 -23.04
C SER A 115 9.40 -15.42 -21.67
N ASP A 116 9.62 -16.28 -20.69
CA ASP A 116 10.02 -15.77 -19.37
C ASP A 116 11.38 -15.08 -19.39
N PRO A 117 12.43 -15.61 -20.05
CA PRO A 117 13.69 -14.84 -20.11
C PRO A 117 13.51 -13.47 -20.74
N HIS A 118 12.74 -13.37 -21.82
CA HIS A 118 12.47 -12.05 -22.40
C HIS A 118 11.67 -11.20 -21.42
N GLY A 119 10.68 -11.80 -20.74
CA GLY A 119 9.87 -11.06 -19.81
C GLY A 119 10.68 -10.41 -18.72
N LYS A 120 11.78 -11.04 -18.31
CA LYS A 120 12.60 -10.47 -17.25
C LYS A 120 13.22 -9.14 -17.67
N VAL A 121 13.76 -9.06 -18.89
CA VAL A 121 14.33 -7.78 -19.33
C VAL A 121 13.21 -6.84 -19.76
N LEU A 122 12.24 -7.34 -20.53
CA LEU A 122 11.13 -6.51 -20.98
C LEU A 122 10.48 -5.78 -19.82
N SER A 123 10.34 -6.47 -18.68
CA SER A 123 9.76 -5.88 -17.49
C SER A 123 10.50 -4.60 -17.09
N GLU A 124 11.84 -4.66 -17.00
CA GLU A 124 12.58 -3.48 -16.56
C GLU A 124 12.49 -2.36 -17.59
N VAL A 125 12.41 -2.70 -18.88
CA VAL A 125 12.23 -1.70 -19.93
C VAL A 125 10.90 -0.97 -19.77
N ILE A 126 9.81 -1.71 -19.65
CA ILE A 126 8.51 -1.06 -19.55
C ILE A 126 8.43 -0.20 -18.29
N ILE A 127 8.99 -0.67 -17.18
CA ILE A 127 8.94 0.15 -15.97
C ILE A 127 9.81 1.40 -16.14
N THR A 128 10.94 1.29 -16.85
CA THR A 128 11.77 2.47 -17.12
C THR A 128 10.97 3.53 -17.86
N MET A 129 10.05 3.11 -18.75
CA MET A 129 9.17 4.04 -19.45
C MET A 129 8.39 4.91 -18.47
N ASP A 130 8.01 4.38 -17.31
CA ASP A 130 7.36 5.20 -16.32
C ASP A 130 8.37 5.93 -15.44
N SER A 131 9.39 5.22 -14.94
CA SER A 131 10.35 5.84 -14.02
C SER A 131 11.05 7.04 -14.65
N ALA A 132 11.35 6.97 -15.94
CA ALA A 132 12.07 8.03 -16.64
C ALA A 132 11.17 9.14 -17.16
N GLY A 133 9.86 9.09 -16.88
CA GLY A 133 8.97 10.14 -17.33
C GLY A 133 8.61 10.07 -18.80
N LEU A 134 8.66 8.87 -19.40
CA LEU A 134 8.42 8.70 -20.82
C LEU A 134 7.02 8.13 -21.10
N GLN A 135 6.04 8.40 -20.23
CA GLN A 135 4.70 7.83 -20.41
C GLN A 135 4.04 8.29 -21.70
N HIS A 136 4.41 9.46 -22.22
CA HIS A 136 3.90 9.99 -23.47
C HIS A 136 4.53 9.37 -24.69
N ALA A 137 5.62 8.60 -24.54
CA ALA A 137 6.47 8.28 -25.67
C ALA A 137 6.20 6.92 -26.30
N TYR A 138 5.48 6.01 -25.64
CA TYR A 138 5.35 4.66 -26.18
C TYR A 138 3.91 4.17 -26.19
N LEU A 139 2.96 5.08 -26.39
CA LEU A 139 1.55 4.68 -26.44
C LEU A 139 1.25 3.68 -27.56
N PRO A 140 1.85 3.76 -28.77
CA PRO A 140 1.61 2.69 -29.75
C PRO A 140 2.05 1.32 -29.26
N GLN A 141 3.11 1.27 -28.46
CA GLN A 141 3.57 0.02 -27.88
C GLN A 141 2.63 -0.48 -26.80
N VAL A 142 2.16 0.42 -25.94
CA VAL A 142 1.13 0.06 -24.97
C VAL A 142 -0.06 -0.54 -25.71
N THR A 143 -0.47 0.10 -26.80
CA THR A 143 -1.61 -0.42 -27.58
C THR A 143 -1.32 -1.81 -28.15
N GLN A 144 -0.12 -2.01 -28.69
CA GLN A 144 0.20 -3.30 -29.31
C GLN A 144 0.22 -4.40 -28.26
N TRP A 145 0.87 -4.13 -27.11
CA TRP A 145 0.89 -5.11 -26.03
C TRP A 145 -0.53 -5.45 -25.57
N LEU A 146 -1.40 -4.45 -25.47
CA LEU A 146 -2.76 -4.74 -25.02
C LEU A 146 -3.49 -5.61 -26.03
N THR A 147 -3.26 -5.38 -27.33
CA THR A 147 -4.00 -6.16 -28.32
C THR A 147 -3.35 -7.50 -28.61
N ARG A 148 -2.02 -7.59 -28.49
CA ARG A 148 -1.35 -8.86 -28.74
C ARG A 148 -1.53 -9.86 -27.61
N TRP A 149 -1.87 -9.40 -26.41
CA TRP A 149 -1.94 -10.30 -25.26
C TRP A 149 -2.96 -11.41 -25.48
N ASP A 150 -2.61 -12.62 -25.06
CA ASP A 150 -3.49 -13.78 -25.23
C ASP A 150 -3.13 -14.80 -24.16
N SER A 151 -3.77 -15.98 -24.22
CA SER A 151 -3.57 -16.96 -23.16
C SER A 151 -2.17 -17.58 -23.21
N GLN A 152 -1.54 -17.58 -24.39
CA GLN A 152 -0.17 -18.07 -24.47
C GLN A 152 0.80 -17.19 -23.70
N TYR A 153 0.72 -15.86 -23.90
CA TYR A 153 1.52 -14.93 -23.12
C TYR A 153 1.26 -15.10 -21.63
N ALA A 154 0.01 -15.37 -21.27
CA ALA A 154 -0.36 -15.41 -19.86
C ALA A 154 0.20 -16.62 -19.12
N GLN A 155 0.75 -17.60 -19.83
CA GLN A 155 1.39 -18.73 -19.16
C GLN A 155 2.68 -18.33 -18.44
N ASN A 156 3.27 -17.20 -18.79
CA ASN A 156 4.63 -16.86 -18.37
C ASN A 156 4.62 -15.79 -17.30
N TRP A 157 5.11 -16.14 -16.10
CA TRP A 157 5.09 -15.24 -14.96
C TRP A 157 5.69 -13.88 -15.29
N TYR A 158 6.83 -13.88 -15.98
CA TYR A 158 7.54 -12.61 -16.21
C TYR A 158 6.97 -11.84 -17.39
N MET A 159 6.20 -12.50 -18.27
CA MET A 159 5.45 -11.77 -19.28
C MET A 159 4.24 -11.07 -18.66
N ARG A 160 3.58 -11.71 -17.68
CA ARG A 160 2.53 -11.03 -16.94
C ARG A 160 3.08 -9.82 -16.19
N ASN A 161 4.22 -10.01 -15.49
CA ASN A 161 4.87 -8.89 -14.80
C ASN A 161 5.13 -7.73 -15.75
N ALA A 162 5.73 -8.02 -16.90
CA ALA A 162 6.15 -7.00 -17.85
C ALA A 162 4.96 -6.23 -18.40
N VAL A 163 3.99 -6.96 -18.96
CA VAL A 163 2.91 -6.27 -19.62
C VAL A 163 2.03 -5.56 -18.62
N ASN A 164 1.93 -6.09 -17.39
CA ASN A 164 1.20 -5.37 -16.35
C ASN A 164 1.82 -3.99 -16.09
N GLY A 165 3.08 -3.80 -16.47
CA GLY A 165 3.71 -2.51 -16.34
C GLY A 165 3.10 -1.43 -17.22
N VAL A 166 2.30 -1.80 -18.22
CA VAL A 166 1.71 -0.74 -19.04
C VAL A 166 0.64 0.01 -18.25
N PHE A 167 0.05 -0.60 -17.22
CA PHE A 167 -0.93 0.13 -16.42
C PHE A 167 -0.26 1.10 -15.47
N THR A 168 0.96 0.78 -15.04
CA THR A 168 1.79 1.75 -14.33
C THR A 168 2.07 2.97 -15.19
N ILE A 169 2.36 2.75 -16.47
CA ILE A 169 2.60 3.85 -17.41
C ILE A 169 1.37 4.74 -17.54
N LEU A 170 0.20 4.13 -17.76
CA LEU A 170 -1.03 4.90 -17.86
C LEU A 170 -1.28 5.70 -16.59
N PHE A 171 -1.06 5.08 -15.43
CA PHE A 171 -1.29 5.74 -14.16
C PHE A 171 -0.33 6.91 -13.95
N GLY A 172 0.98 6.66 -14.15
CA GLY A 172 1.96 7.71 -13.99
C GLY A 172 1.86 8.81 -15.02
N GLY A 173 1.22 8.55 -16.17
CA GLY A 173 1.04 9.57 -17.18
C GLY A 173 0.21 10.76 -16.73
N GLN A 174 -0.57 10.60 -15.66
CA GLN A 174 -1.38 11.70 -15.16
C GLN A 174 -0.55 12.94 -14.85
N TRP A 175 0.70 12.76 -14.43
CA TRP A 175 1.59 13.85 -14.07
C TRP A 175 2.50 14.30 -15.21
N ASN A 176 2.22 13.85 -16.43
CA ASN A 176 3.06 14.09 -17.61
C ASN A 176 2.26 14.96 -18.58
N GLU A 177 2.74 16.17 -18.84
CA GLU A 177 1.92 17.12 -19.60
C GLU A 177 1.70 16.67 -21.04
N GLN A 178 2.74 16.13 -21.70
CA GLN A 178 2.56 15.65 -23.06
C GLN A 178 1.59 14.47 -23.09
N PHE A 179 1.62 13.62 -22.07
CA PHE A 179 0.67 12.52 -21.97
C PHE A 179 -0.76 13.04 -21.81
N VAL A 180 -0.97 13.90 -20.81
CA VAL A 180 -2.29 14.48 -20.57
C VAL A 180 -2.80 15.19 -21.82
N GLN A 181 -1.91 15.89 -22.51
CA GLN A 181 -2.29 16.61 -23.72
C GLN A 181 -2.76 15.68 -24.83
N THR A 182 -2.26 14.44 -24.86
CA THR A 182 -2.53 13.58 -26.01
C THR A 182 -3.43 12.38 -25.71
N ILE A 183 -3.51 11.94 -24.44
CA ILE A 183 -4.14 10.66 -24.14
C ILE A 183 -5.63 10.67 -24.49
N GLY A 184 -6.28 11.83 -24.38
CA GLY A 184 -7.70 11.93 -24.72
C GLY A 184 -8.03 11.67 -26.17
N ASN A 185 -7.02 11.67 -27.05
CA ASN A 185 -7.26 11.41 -28.46
C ASN A 185 -6.81 10.03 -28.91
N GLN A 186 -6.36 9.18 -27.99
CA GLN A 186 -5.79 7.88 -28.33
C GLN A 186 -6.90 6.84 -28.43
N THR A 187 -7.58 6.86 -29.58
CA THR A 187 -8.75 6.02 -29.77
C THR A 187 -8.38 4.54 -29.89
N GLU A 188 -7.26 4.23 -30.56
CA GLU A 188 -6.85 2.83 -30.65
C GLU A 188 -6.40 2.31 -29.29
N LEU A 189 -5.64 3.09 -28.55
CA LEU A 189 -5.29 2.70 -27.19
C LEU A 189 -6.54 2.40 -26.38
N ALA A 190 -7.53 3.30 -26.45
CA ALA A 190 -8.75 3.12 -25.65
C ALA A 190 -9.48 1.84 -26.04
N LYS A 191 -9.58 1.56 -27.33
CA LYS A 191 -10.23 0.34 -27.77
C LYS A 191 -9.46 -0.89 -27.33
N ALA A 192 -8.14 -0.87 -27.48
CA ALA A 192 -7.33 -2.02 -27.07
C ALA A 192 -7.41 -2.21 -25.56
N LEU A 193 -7.38 -1.11 -24.80
CA LEU A 193 -7.50 -1.21 -23.35
C LEU A 193 -8.84 -1.82 -22.94
N GLY A 194 -9.92 -1.33 -23.54
CA GLY A 194 -11.23 -1.88 -23.23
C GLY A 194 -11.34 -3.36 -23.58
N ASP A 195 -10.81 -3.74 -24.74
CA ASP A 195 -10.92 -5.14 -25.17
C ASP A 195 -10.03 -6.05 -24.35
N PHE A 196 -8.89 -5.55 -23.88
CA PHE A 196 -8.10 -6.30 -22.92
C PHE A 196 -8.91 -6.59 -21.66
N ALA A 197 -9.58 -5.55 -21.13
CA ALA A 197 -10.40 -5.73 -19.92
C ALA A 197 -11.55 -6.71 -20.17
N LEU A 198 -12.02 -6.82 -21.40
CA LEU A 198 -13.19 -7.63 -21.72
C LEU A 198 -12.84 -9.07 -22.08
N ARG A 199 -11.56 -9.44 -22.08
CA ARG A 199 -11.16 -10.80 -22.42
C ARG A 199 -11.75 -11.79 -21.43
N SER A 200 -12.74 -12.57 -21.88
CA SER A 200 -13.36 -13.55 -20.99
C SER A 200 -12.37 -14.60 -20.51
N SER A 201 -11.38 -14.94 -21.33
CA SER A 201 -10.40 -15.95 -20.93
C SER A 201 -9.53 -15.51 -19.77
N ALA A 202 -9.62 -14.25 -19.34
CA ALA A 202 -8.86 -13.79 -18.18
C ALA A 202 -9.53 -14.16 -16.87
N ILE A 203 -10.85 -14.41 -16.89
CA ILE A 203 -11.59 -14.67 -15.65
C ILE A 203 -11.06 -15.95 -15.02
N GLY A 204 -10.71 -15.85 -13.73
CA GLY A 204 -10.16 -16.98 -13.02
C GLY A 204 -8.78 -17.42 -13.46
N ALA A 205 -8.18 -16.75 -14.44
CA ALA A 205 -6.86 -17.12 -14.93
C ALA A 205 -5.77 -16.32 -14.22
N SER A 206 -4.53 -16.72 -14.46
CA SER A 206 -3.41 -16.08 -13.79
C SER A 206 -3.27 -14.61 -14.15
N ASP A 207 -3.92 -14.16 -15.21
CA ASP A 207 -3.81 -12.77 -15.66
C ASP A 207 -5.05 -11.96 -15.35
N GLU A 208 -5.94 -12.47 -14.50
CA GLU A 208 -7.15 -11.71 -14.17
C GLU A 208 -6.79 -10.38 -13.52
N PHE A 209 -5.74 -10.36 -12.69
CA PHE A 209 -5.34 -9.10 -12.05
C PHE A 209 -5.01 -8.05 -13.09
N MET A 210 -4.51 -8.46 -14.27
CA MET A 210 -4.20 -7.52 -15.34
C MET A 210 -5.48 -6.96 -15.97
N ALA A 211 -6.44 -7.83 -16.26
CA ALA A 211 -7.71 -7.35 -16.79
C ALA A 211 -8.36 -6.38 -15.82
N ALA A 212 -8.22 -6.64 -14.52
CA ALA A 212 -8.76 -5.73 -13.53
C ALA A 212 -8.06 -4.38 -13.58
N ASN A 213 -6.71 -4.40 -13.64
CA ASN A 213 -5.96 -3.15 -13.78
C ASN A 213 -6.37 -2.40 -15.04
N ALA A 214 -6.61 -3.12 -16.14
CA ALA A 214 -7.07 -2.47 -17.37
C ALA A 214 -8.44 -1.82 -17.17
N GLY A 215 -9.37 -2.52 -16.52
CA GLY A 215 -10.66 -1.89 -16.25
C GLY A 215 -10.52 -0.60 -15.47
N ARG A 216 -9.62 -0.59 -14.48
CA ARG A 216 -9.39 0.62 -13.70
C ARG A 216 -8.77 1.72 -14.53
N GLU A 217 -7.73 1.42 -15.29
CA GLU A 217 -7.11 2.47 -16.10
C GLU A 217 -8.05 2.99 -17.18
N LEU A 218 -8.93 2.12 -17.70
CA LEU A 218 -9.91 2.59 -18.68
C LEU A 218 -10.88 3.58 -18.05
N GLY A 219 -11.35 3.30 -16.85
CA GLY A 219 -12.24 4.25 -16.18
C GLY A 219 -11.54 5.55 -15.86
N ARG A 220 -10.24 5.50 -15.58
CA ARG A 220 -9.48 6.71 -15.34
C ARG A 220 -9.40 7.57 -16.60
N LEU A 221 -9.49 6.97 -17.80
CA LEU A 221 -9.45 7.76 -19.02
C LEU A 221 -10.64 8.70 -19.16
N THR A 222 -11.72 8.51 -18.40
CA THR A 222 -12.82 9.46 -18.47
C THR A 222 -12.44 10.84 -17.95
N LYS A 223 -11.29 11.00 -17.27
CA LYS A 223 -10.88 12.32 -16.83
C LYS A 223 -10.34 13.18 -17.96
N TYR A 224 -10.13 12.63 -19.15
CA TYR A 224 -9.61 13.37 -20.29
C TYR A 224 -10.70 13.58 -21.32
N SER A 225 -10.47 14.53 -22.23
CA SER A 225 -11.39 14.82 -23.31
C SER A 225 -10.66 14.73 -24.65
N GLY A 226 -11.39 14.35 -25.69
CA GLY A 226 -10.82 14.24 -27.00
C GLY A 226 -11.55 13.19 -27.82
N SER A 227 -11.00 12.91 -29.00
CA SER A 227 -11.66 12.04 -29.95
C SER A 227 -11.83 10.61 -29.44
N ALA A 228 -11.13 10.24 -28.36
CA ALA A 228 -11.24 8.89 -27.81
C ALA A 228 -12.42 8.74 -26.86
N SER A 229 -13.08 9.85 -26.48
CA SER A 229 -14.04 9.80 -25.38
C SER A 229 -15.17 8.82 -25.64
N SER A 230 -15.67 8.75 -26.89
CA SER A 230 -16.82 7.89 -27.16
C SER A 230 -16.42 6.42 -27.18
N THR A 231 -15.17 6.11 -27.54
CA THR A 231 -14.70 4.74 -27.43
C THR A 231 -14.54 4.34 -25.97
N VAL A 232 -13.95 5.22 -25.15
CA VAL A 232 -13.86 4.94 -23.71
C VAL A 232 -15.23 4.62 -23.14
N LYS A 233 -16.22 5.49 -23.41
CA LYS A 233 -17.57 5.27 -22.89
C LYS A 233 -18.17 3.96 -23.37
N SER A 234 -18.01 3.65 -24.66
CA SER A 234 -18.57 2.42 -25.21
C SER A 234 -17.98 1.20 -24.53
N LYS A 235 -16.66 1.19 -24.33
CA LYS A 235 -16.00 0.03 -23.73
C LYS A 235 -16.37 -0.11 -22.26
N LEU A 236 -16.43 1.00 -21.52
CA LEU A 236 -16.86 0.94 -20.13
C LEU A 236 -18.28 0.40 -20.02
N THR A 237 -19.16 0.85 -20.92
CA THR A 237 -20.51 0.31 -20.96
C THR A 237 -20.52 -1.20 -21.17
N GLU A 238 -19.65 -1.70 -22.06
CA GLU A 238 -19.59 -3.14 -22.31
C GLU A 238 -19.07 -3.89 -21.08
N ILE A 239 -18.10 -3.31 -20.38
CA ILE A 239 -17.63 -3.93 -19.13
C ILE A 239 -18.77 -4.04 -18.14
N PHE A 240 -19.51 -2.95 -17.95
CA PHE A 240 -20.58 -2.95 -16.96
C PHE A 240 -21.72 -3.86 -17.39
N ALA A 241 -21.90 -4.07 -18.69
CA ALA A 241 -22.94 -4.97 -19.16
C ALA A 241 -22.49 -6.43 -19.10
N GLN A 242 -21.22 -6.70 -19.44
CA GLN A 242 -20.74 -8.08 -19.53
C GLN A 242 -20.53 -8.69 -18.16
N TYR A 243 -20.05 -7.91 -17.19
CA TYR A 243 -19.73 -8.41 -15.86
C TYR A 243 -20.73 -7.88 -14.85
N GLU A 244 -20.51 -8.25 -13.59
CA GLU A 244 -21.38 -7.78 -12.50
C GLU A 244 -20.53 -7.24 -11.36
N MET A 245 -21.15 -6.42 -10.50
CA MET A 245 -20.45 -5.86 -9.34
C MET A 245 -20.09 -6.92 -8.30
N TYR A 246 -20.80 -8.04 -8.28
CA TYR A 246 -20.48 -9.16 -7.39
C TYR A 246 -20.74 -10.46 -8.14
N GLY A 247 -19.68 -11.18 -8.44
CA GLY A 247 -19.82 -12.35 -9.29
C GLY A 247 -18.79 -12.36 -10.39
N ARG A 248 -19.13 -12.95 -11.55
CA ARG A 248 -18.14 -13.14 -12.59
C ARG A 248 -17.62 -11.81 -13.10
N GLY A 249 -16.28 -11.68 -13.15
CA GLY A 249 -15.63 -10.48 -13.61
C GLY A 249 -15.74 -9.28 -12.68
N ASP A 250 -16.08 -9.48 -11.40
CA ASP A 250 -16.35 -8.30 -10.58
C ASP A 250 -15.10 -7.50 -10.29
N ALA A 251 -13.91 -8.12 -10.33
CA ALA A 251 -12.68 -7.34 -10.19
C ALA A 251 -12.55 -6.32 -11.31
N ILE A 252 -12.97 -6.69 -12.53
CA ILE A 252 -12.92 -5.76 -13.66
C ILE A 252 -14.01 -4.72 -13.54
N TRP A 253 -15.25 -5.17 -13.32
CA TRP A 253 -16.39 -4.27 -13.11
C TRP A 253 -16.08 -3.25 -12.02
N LEU A 254 -15.55 -3.71 -10.88
CA LEU A 254 -15.34 -2.80 -9.76
C LEU A 254 -14.12 -1.91 -10.00
N GLY A 255 -13.06 -2.45 -10.61
CA GLY A 255 -11.95 -1.61 -11.03
C GLY A 255 -12.42 -0.44 -11.87
N ALA A 256 -13.27 -0.71 -12.87
CA ALA A 256 -13.77 0.35 -13.72
C ALA A 256 -14.72 1.27 -12.96
N ALA A 257 -15.59 0.70 -12.12
CA ALA A 257 -16.59 1.51 -11.42
C ALA A 257 -15.93 2.53 -10.50
N ASP A 258 -14.80 2.15 -9.88
CA ASP A 258 -14.10 3.02 -8.95
C ASP A 258 -13.65 4.33 -9.62
N THR A 259 -12.93 4.22 -10.75
CA THR A 259 -12.43 5.42 -11.41
C THR A 259 -13.54 6.16 -12.15
N VAL A 260 -14.48 5.43 -12.77
CA VAL A 260 -15.63 6.08 -13.39
C VAL A 260 -16.36 6.95 -12.38
N SER A 261 -16.58 6.41 -11.18
CA SER A 261 -17.35 7.14 -10.17
C SER A 261 -16.61 8.40 -9.73
N TYR A 262 -15.30 8.30 -9.55
CA TYR A 262 -14.52 9.45 -9.11
C TYR A 262 -14.40 10.50 -10.20
N TYR A 263 -14.14 10.08 -11.45
CA TYR A 263 -13.83 11.03 -12.52
C TYR A 263 -14.99 11.37 -13.43
N ALA A 264 -16.05 10.56 -13.45
CA ALA A 264 -17.11 10.78 -14.43
C ALA A 264 -18.47 10.88 -13.74
N ASP A 265 -19.54 10.89 -14.53
CA ASP A 265 -20.90 10.92 -14.01
C ASP A 265 -21.42 9.48 -13.92
N CYS A 266 -21.59 8.98 -12.71
CA CYS A 266 -22.06 7.60 -12.52
C CYS A 266 -23.39 7.35 -13.24
N SER A 267 -24.21 8.38 -13.43
CA SER A 267 -25.50 8.17 -14.09
C SER A 267 -25.36 7.94 -15.58
N ASP A 268 -24.26 8.38 -16.21
CA ASP A 268 -24.07 8.03 -17.62
C ASP A 268 -23.78 6.54 -17.79
N TYR A 269 -23.48 5.82 -16.72
CA TYR A 269 -23.17 4.40 -16.80
C TYR A 269 -24.12 3.54 -16.00
N GLY A 270 -25.08 4.14 -15.30
CA GLY A 270 -26.03 3.37 -14.50
C GLY A 270 -25.44 2.69 -13.30
N ILE A 271 -24.40 3.28 -12.69
CA ILE A 271 -23.71 2.66 -11.56
C ILE A 271 -23.75 3.54 -10.32
N CYS A 272 -24.61 4.55 -10.30
CA CYS A 272 -24.75 5.36 -9.09
C CYS A 272 -25.23 4.50 -7.93
N ASN A 273 -24.74 4.80 -6.73
CA ASN A 273 -25.10 4.12 -5.50
C ASN A 273 -24.65 2.66 -5.49
N PHE A 274 -23.75 2.26 -6.38
CA PHE A 274 -23.36 0.85 -6.44
C PHE A 274 -22.68 0.40 -5.15
N GLU A 275 -22.04 1.32 -4.44
CA GLU A 275 -21.28 0.95 -3.24
C GLU A 275 -22.20 0.35 -2.18
N SER A 276 -23.38 0.95 -1.97
CA SER A 276 -24.28 0.46 -0.93
C SER A 276 -24.93 -0.85 -1.35
N GLN A 277 -25.25 -1.00 -2.63
CA GLN A 277 -25.77 -2.29 -3.10
C GLN A 277 -24.71 -3.37 -2.97
N LEU A 278 -23.46 -3.03 -3.28
CA LEU A 278 -22.39 -4.01 -3.16
C LEU A 278 -22.21 -4.45 -1.71
N LYS A 279 -22.24 -3.51 -0.76
CA LYS A 279 -22.08 -3.84 0.65
C LYS A 279 -23.08 -4.90 1.09
N GLY A 280 -24.36 -4.72 0.73
CA GLY A 280 -25.38 -5.68 1.10
C GLY A 280 -25.14 -7.08 0.54
N LEU A 281 -24.52 -7.15 -0.64
CA LEU A 281 -24.26 -8.43 -1.31
C LEU A 281 -23.04 -9.14 -0.73
N VAL A 282 -21.92 -8.42 -0.57
CA VAL A 282 -20.68 -9.04 -0.12
C VAL A 282 -20.73 -9.33 1.38
N LEU A 283 -21.13 -8.35 2.17
CA LEU A 283 -21.18 -8.50 3.63
C LEU A 283 -22.58 -8.95 4.04
N SER A 284 -22.90 -10.19 3.67
CA SER A 284 -24.27 -10.69 3.76
C SER A 284 -24.59 -11.38 5.08
N GLN A 285 -23.61 -11.61 5.93
CA GLN A 285 -23.88 -12.17 7.25
C GLN A 285 -23.86 -11.05 8.28
N SER A 286 -24.80 -11.11 9.21
CA SER A 286 -24.83 -10.16 10.32
C SER A 286 -24.85 -10.97 11.61
N TYR A 287 -23.96 -10.63 12.54
CA TYR A 287 -23.89 -11.31 13.82
C TYR A 287 -23.67 -10.24 14.88
N THR A 288 -24.64 -10.06 15.76
CA THR A 288 -24.57 -9.02 16.80
C THR A 288 -23.96 -9.64 18.04
N CYS A 289 -22.76 -9.19 18.41
CA CYS A 289 -22.12 -9.65 19.64
C CYS A 289 -22.85 -9.13 20.86
N SER A 290 -23.23 -7.86 20.82
CA SER A 290 -23.72 -7.12 21.97
C SER A 290 -24.20 -5.75 21.52
N PRO A 291 -24.77 -4.94 22.40
CA PRO A 291 -25.09 -3.56 22.00
C PRO A 291 -23.90 -2.71 21.56
N THR A 292 -22.67 -3.12 21.83
CA THR A 292 -21.51 -2.29 21.47
C THR A 292 -20.67 -2.88 20.34
N ILE A 293 -20.97 -4.08 19.85
CA ILE A 293 -20.23 -4.68 18.73
C ILE A 293 -21.18 -5.46 17.84
N ARG A 294 -21.13 -5.18 16.53
CA ARG A 294 -21.88 -5.95 15.55
CA ARG A 294 -21.89 -5.94 15.53
C ARG A 294 -20.95 -6.32 14.41
N ILE A 295 -20.99 -7.59 13.99
CA ILE A 295 -20.16 -8.09 12.91
C ILE A 295 -20.99 -8.16 11.63
N LEU A 296 -20.44 -7.63 10.54
CA LEU A 296 -20.91 -7.89 9.17
C LEU A 296 -19.80 -8.65 8.48
N SER A 297 -20.10 -9.81 7.94
CA SER A 297 -19.02 -10.63 7.39
C SER A 297 -19.43 -11.24 6.06
N GLN A 298 -18.40 -11.61 5.29
CA GLN A 298 -18.62 -12.20 3.98
C GLN A 298 -18.86 -13.70 4.10
N ASN A 299 -17.95 -14.42 4.75
CA ASN A 299 -18.14 -15.87 4.86
C ASN A 299 -17.38 -16.39 6.08
N MET A 300 -17.93 -16.14 7.25
CA MET A 300 -17.40 -16.68 8.49
C MET A 300 -18.32 -17.77 9.03
N THR A 301 -17.73 -18.75 9.71
CA THR A 301 -18.52 -19.74 10.41
C THR A 301 -19.11 -19.16 11.70
N GLN A 302 -20.11 -19.86 12.22
CA GLN A 302 -20.69 -19.48 13.51
C GLN A 302 -19.65 -19.55 14.62
N ASP A 303 -18.80 -20.57 14.58
CA ASP A 303 -17.71 -20.67 15.55
C ASP A 303 -16.80 -19.45 15.49
N GLN A 304 -16.53 -18.95 14.28
CA GLN A 304 -15.70 -17.76 14.13
C GLN A 304 -16.39 -16.53 14.73
N HIS A 305 -17.70 -16.38 14.50
CA HIS A 305 -18.43 -15.26 15.07
C HIS A 305 -18.40 -15.31 16.59
N VAL A 306 -18.66 -16.50 17.16
CA VAL A 306 -18.69 -16.64 18.61
C VAL A 306 -17.32 -16.33 19.20
N ALA A 307 -16.26 -16.77 18.53
CA ALA A 307 -14.91 -16.57 19.07
C ALA A 307 -14.47 -15.12 18.95
N ALA A 308 -14.82 -14.46 17.83
CA ALA A 308 -14.53 -13.04 17.69
C ALA A 308 -15.26 -12.23 18.76
N CYS A 309 -16.52 -12.55 19.01
CA CYS A 309 -17.31 -11.77 19.97
C CYS A 309 -16.79 -11.95 21.38
N SER A 310 -16.37 -13.17 21.73
CA SER A 310 -15.89 -13.39 23.09
C SER A 310 -14.50 -12.82 23.29
N LYS A 311 -13.67 -12.82 22.24
CA LYS A 311 -12.36 -12.21 22.33
C LYS A 311 -12.48 -10.69 22.45
N MET A 312 -13.29 -10.07 21.58
CA MET A 312 -13.51 -8.63 21.70
C MET A 312 -14.21 -8.30 23.02
N GLY A 313 -15.19 -9.11 23.41
CA GLY A 313 -15.89 -8.84 24.65
C GLY A 313 -14.95 -8.86 25.84
N TYR A 314 -13.98 -9.77 25.83
CA TYR A 314 -12.99 -9.82 26.89
C TYR A 314 -12.09 -8.60 26.85
N GLU A 315 -11.59 -8.25 25.65
CA GLU A 315 -10.75 -7.06 25.52
C GLU A 315 -11.49 -5.81 25.94
N GLU A 316 -12.80 -5.76 25.66
CA GLU A 316 -13.60 -4.59 25.98
C GLU A 316 -13.67 -4.37 27.49
N GLY A 317 -13.99 -5.41 28.23
CA GLY A 317 -14.00 -5.28 29.68
C GLY A 317 -12.62 -4.98 30.23
N TYR A 318 -11.60 -5.64 29.68
CA TYR A 318 -10.23 -5.40 30.14
C TYR A 318 -9.81 -3.96 29.86
N PHE A 319 -10.16 -3.44 28.67
CA PHE A 319 -9.88 -2.03 28.36
C PHE A 319 -10.56 -1.11 29.38
N HIS A 320 -11.84 -1.33 29.65
CA HIS A 320 -12.56 -0.39 30.51
C HIS A 320 -12.01 -0.41 31.94
N THR A 321 -11.58 -1.58 32.41
CA THR A 321 -10.97 -1.66 33.74
C THR A 321 -9.58 -1.03 33.75
N SER A 322 -8.75 -1.38 32.75
CA SER A 322 -7.39 -0.83 32.70
C SER A 322 -7.38 0.68 32.50
N LEU A 323 -8.28 1.21 31.66
CA LEU A 323 -8.30 2.64 31.39
C LEU A 323 -9.16 3.41 32.38
N GLU A 324 -9.79 2.72 33.33
CA GLU A 324 -10.58 3.31 34.41
C GLU A 324 -11.63 4.27 33.84
N THR A 325 -12.33 3.78 32.80
CA THR A 325 -13.21 4.64 32.02
C THR A 325 -14.54 4.91 32.68
N GLY A 326 -14.95 4.05 33.62
CA GLY A 326 -16.33 4.07 34.07
C GLY A 326 -17.32 3.81 32.98
N ARG A 327 -16.84 3.29 31.84
CA ARG A 327 -17.63 3.13 30.62
C ARG A 327 -18.28 4.46 30.19
N GLN A 328 -17.63 5.56 30.53
CA GLN A 328 -18.09 6.90 30.18
C GLN A 328 -17.44 7.35 28.88
N PRO A 329 -18.16 7.43 27.76
CA PRO A 329 -17.54 7.93 26.52
C PRO A 329 -17.13 9.38 26.65
N VAL A 330 -16.17 9.79 25.81
CA VAL A 330 -15.86 11.21 25.71
C VAL A 330 -17.07 11.96 25.17
N ALA A 331 -17.04 13.28 25.34
CA ALA A 331 -18.14 14.11 24.86
C ALA A 331 -18.20 14.13 23.34
N ASP A 332 -19.41 14.40 22.81
CA ASP A 332 -19.63 14.61 21.39
C ASP A 332 -19.30 13.36 20.58
N ASP A 333 -19.56 12.17 21.16
CA ASP A 333 -19.20 10.90 20.53
C ASP A 333 -20.38 9.95 20.62
N TYR A 334 -21.04 9.68 19.48
CA TYR A 334 -22.20 8.79 19.44
C TYR A 334 -21.93 7.51 18.65
N ASN A 335 -20.65 7.10 18.60
CA ASN A 335 -20.22 5.83 18.00
C ASN A 335 -20.52 4.67 18.95
N THR A 336 -21.81 4.46 19.21
CA THR A 336 -22.20 3.59 20.32
C THR A 336 -21.93 2.12 20.05
N GLN A 337 -21.92 1.69 18.78
CA GLN A 337 -21.71 0.28 18.48
C GLN A 337 -20.73 0.15 17.32
N LEU A 338 -19.56 -0.44 17.59
CA LEU A 338 -18.61 -0.72 16.52
C LEU A 338 -19.22 -1.71 15.52
N GLN A 339 -19.09 -1.39 14.24
CA GLN A 339 -19.38 -2.32 13.15
C GLN A 339 -18.05 -2.93 12.71
N VAL A 340 -17.95 -4.26 12.80
CA VAL A 340 -16.76 -5.01 12.41
C VAL A 340 -17.08 -5.71 11.09
N ASN A 341 -16.42 -5.26 10.03
CA ASN A 341 -16.70 -5.65 8.63
C ASN A 341 -15.58 -6.57 8.15
N ILE A 342 -15.89 -7.86 8.01
CA ILE A 342 -14.86 -8.87 7.85
C ILE A 342 -15.03 -9.55 6.50
N PHE A 343 -14.07 -9.35 5.61
CA PHE A 343 -14.06 -9.97 4.30
C PHE A 343 -13.36 -11.32 4.34
N ASP A 344 -13.66 -12.17 3.34
CA ASP A 344 -13.27 -13.57 3.40
C ASP A 344 -11.76 -13.77 3.23
N SER A 345 -11.05 -12.77 2.73
CA SER A 345 -9.64 -12.93 2.41
C SER A 345 -9.06 -11.57 2.06
N SER A 346 -7.73 -11.49 2.09
CA SER A 346 -7.01 -10.30 1.62
C SER A 346 -7.44 -9.90 0.20
N ASP A 347 -7.61 -10.88 -0.69
CA ASP A 347 -8.02 -10.56 -2.05
C ASP A 347 -9.41 -9.95 -2.07
N ASP A 348 -10.34 -10.52 -1.28
CA ASP A 348 -11.69 -9.98 -1.25
C ASP A 348 -11.70 -8.58 -0.68
N TYR A 349 -10.90 -8.35 0.36
CA TYR A 349 -10.72 -7.01 0.90
C TYR A 349 -10.22 -6.05 -0.17
N GLY A 350 -9.20 -6.47 -0.93
CA GLY A 350 -8.68 -5.61 -1.98
C GLY A 350 -9.70 -5.30 -3.06
N LYS A 351 -10.62 -6.24 -3.30
CA LYS A 351 -11.59 -6.07 -4.36
C LYS A 351 -12.80 -5.26 -3.90
N TYR A 352 -13.32 -5.50 -2.70
CA TYR A 352 -14.61 -4.96 -2.30
C TYR A 352 -14.55 -3.86 -1.25
N ALA A 353 -13.59 -3.91 -0.33
CA ALA A 353 -13.57 -2.93 0.76
C ALA A 353 -13.37 -1.53 0.23
N GLY A 354 -12.52 -1.37 -0.80
CA GLY A 354 -12.22 -0.08 -1.36
C GLY A 354 -13.46 0.72 -1.72
N PRO A 355 -14.28 0.19 -2.63
CA PRO A 355 -15.49 0.93 -3.00
C PRO A 355 -16.52 1.02 -1.87
N ILE A 356 -16.67 -0.04 -1.07
CA ILE A 356 -17.69 0.00 -0.02
C ILE A 356 -17.38 1.10 0.98
N PHE A 357 -16.12 1.20 1.41
CA PHE A 357 -15.75 2.08 2.51
C PHE A 357 -14.88 3.26 2.07
N ASN A 358 -14.64 3.43 0.77
CA ASN A 358 -13.88 4.57 0.26
C ASN A 358 -12.48 4.64 0.89
N ILE A 359 -11.79 3.50 0.91
CA ILE A 359 -10.48 3.40 1.53
C ILE A 359 -9.49 2.78 0.56
N SER A 360 -8.22 3.05 0.83
CA SER A 360 -7.13 2.33 0.20
C SER A 360 -6.93 1.01 0.93
N THR A 361 -6.57 -0.03 0.18
CA THR A 361 -6.57 -1.39 0.71
C THR A 361 -5.20 -2.05 0.64
N ASN A 362 -4.15 -1.30 0.34
CA ASN A 362 -2.79 -1.86 0.40
C ASN A 362 -2.29 -1.74 1.85
N ASN A 363 -2.89 -2.56 2.70
CA ASN A 363 -2.70 -2.51 4.15
C ASN A 363 -3.39 -3.75 4.74
N GLY A 364 -3.29 -3.90 6.06
CA GLY A 364 -3.84 -5.06 6.73
C GLY A 364 -5.20 -4.85 7.40
N GLY A 365 -5.96 -3.89 6.91
CA GLY A 365 -7.22 -3.49 7.52
C GLY A 365 -7.12 -2.09 8.10
N MET A 366 -8.26 -1.56 8.53
CA MET A 366 -8.19 -0.25 9.18
C MET A 366 -9.48 0.08 9.91
N TYR A 367 -9.34 0.92 10.94
CA TYR A 367 -10.47 1.43 11.71
C TYR A 367 -10.77 2.86 11.27
N LEU A 368 -12.02 3.10 10.87
CA LEU A 368 -12.52 4.40 10.46
C LEU A 368 -13.44 4.96 11.55
N GLU A 369 -12.89 5.80 12.42
CA GLU A 369 -13.70 6.43 13.45
C GLU A 369 -14.69 7.42 12.85
N GLY A 370 -14.36 8.04 11.71
CA GLY A 370 -15.23 9.04 11.13
C GLY A 370 -15.33 10.28 12.01
N ASP A 371 -16.50 10.91 11.99
CA ASP A 371 -16.75 12.10 12.79
C ASP A 371 -17.74 11.75 13.91
N PRO A 372 -17.26 11.51 15.13
CA PRO A 372 -18.14 10.91 16.16
C PRO A 372 -19.32 11.80 16.56
N ALA A 373 -19.26 13.10 16.28
CA ALA A 373 -20.34 14.00 16.65
C ALA A 373 -21.48 14.01 15.64
N THR A 374 -21.22 13.63 14.40
CA THR A 374 -22.24 13.74 13.36
C THR A 374 -23.31 12.67 13.55
N PRO A 375 -24.58 13.04 13.60
CA PRO A 375 -25.66 12.04 13.57
C PRO A 375 -25.55 11.16 12.33
N GLY A 376 -25.69 9.85 12.53
CA GLY A 376 -25.54 8.90 11.46
C GLY A 376 -24.12 8.44 11.19
N ASN A 377 -23.13 9.00 11.90
CA ASN A 377 -21.77 8.51 11.75
C ASN A 377 -21.73 7.04 12.15
N ILE A 378 -20.95 6.26 11.42
CA ILE A 378 -20.86 4.82 11.64
C ILE A 378 -19.39 4.47 11.90
N PRO A 379 -19.04 3.95 13.07
CA PRO A 379 -17.66 3.52 13.32
C PRO A 379 -17.44 2.14 12.69
N ASN A 380 -16.49 2.08 11.74
CA ASN A 380 -16.29 0.89 10.93
C ASN A 380 -14.84 0.42 11.07
N PHE A 381 -14.66 -0.79 11.60
CA PHE A 381 -13.39 -1.49 11.42
C PHE A 381 -13.53 -2.43 10.20
N VAL A 382 -12.61 -2.29 9.25
CA VAL A 382 -12.64 -3.04 7.99
C VAL A 382 -11.46 -4.01 7.99
N ALA A 383 -11.75 -5.31 7.85
CA ALA A 383 -10.74 -6.33 8.03
C ALA A 383 -10.99 -7.51 7.10
N TYR A 384 -10.15 -8.54 7.23
CA TYR A 384 -10.30 -9.76 6.46
C TYR A 384 -9.77 -10.94 7.25
N GLU A 385 -10.33 -12.11 6.97
CA GLU A 385 -9.78 -13.35 7.49
C GLU A 385 -8.50 -13.72 6.75
N ALA A 386 -7.63 -14.45 7.45
CA ALA A 386 -6.42 -15.00 6.85
C ALA A 386 -6.11 -16.31 7.55
N PRO A 387 -5.51 -17.26 6.84
CA PRO A 387 -5.17 -18.54 7.47
C PRO A 387 -4.17 -18.44 8.62
N TYR A 388 -3.21 -17.51 8.57
CA TYR A 388 -2.26 -17.36 9.67
C TYR A 388 -2.68 -16.30 10.69
N ALA A 389 -3.92 -15.83 10.61
CA ALA A 389 -4.46 -14.96 11.65
C ALA A 389 -4.65 -15.76 12.95
N ASN A 390 -5.10 -15.08 13.99
CA ASN A 390 -5.20 -15.69 15.31
C ASN A 390 -6.45 -16.54 15.43
N PRO A 391 -6.35 -17.79 15.86
CA PRO A 391 -7.54 -18.57 16.20
C PRO A 391 -8.18 -17.99 17.45
N ASP A 392 -9.48 -18.21 17.61
CA ASP A 392 -10.31 -19.04 16.73
C ASP A 392 -11.15 -18.22 15.76
N HIS A 393 -10.93 -16.91 15.73
CA HIS A 393 -11.68 -16.06 14.83
C HIS A 393 -11.01 -15.92 13.47
N PHE A 394 -9.68 -16.01 13.42
CA PHE A 394 -8.92 -15.94 12.17
C PHE A 394 -9.13 -14.63 11.43
N VAL A 395 -9.43 -13.57 12.18
CA VAL A 395 -9.51 -12.24 11.62
C VAL A 395 -8.16 -11.55 11.82
N TRP A 396 -7.52 -11.16 10.72
CA TRP A 396 -6.19 -10.57 10.77
C TRP A 396 -6.20 -9.24 11.50
N ASN A 397 -5.34 -9.10 12.51
CA ASN A 397 -5.15 -7.85 13.26
C ASN A 397 -6.36 -7.47 14.10
N LEU A 398 -7.32 -8.39 14.30
CA LEU A 398 -8.57 -8.02 14.97
C LEU A 398 -8.31 -7.46 16.36
N GLU A 399 -7.47 -8.14 17.14
CA GLU A 399 -7.38 -7.82 18.56
C GLU A 399 -6.71 -6.47 18.78
N HIS A 400 -5.68 -6.17 17.98
CA HIS A 400 -5.06 -4.85 18.03
C HIS A 400 -6.03 -3.77 17.56
N GLU A 401 -6.61 -3.95 16.36
CA GLU A 401 -7.39 -2.87 15.76
C GLU A 401 -8.62 -2.53 16.58
N TYR A 402 -9.21 -3.53 17.24
CA TYR A 402 -10.40 -3.30 18.05
C TYR A 402 -10.15 -2.25 19.13
N VAL A 403 -8.93 -2.20 19.67
CA VAL A 403 -8.62 -1.27 20.74
C VAL A 403 -8.68 0.17 20.23
N HIS A 404 -8.40 0.39 18.95
CA HIS A 404 -8.46 1.76 18.41
C HIS A 404 -9.87 2.32 18.51
N TYR A 405 -10.89 1.47 18.32
CA TYR A 405 -12.27 1.91 18.53
C TYR A 405 -12.50 2.32 20.00
N LEU A 406 -12.04 1.49 20.93
CA LEU A 406 -12.26 1.81 22.33
C LEU A 406 -11.45 3.03 22.77
N ASP A 407 -10.18 3.09 22.37
CA ASP A 407 -9.36 4.28 22.65
C ASP A 407 -9.99 5.53 22.04
N GLY A 408 -10.52 5.40 20.81
CA GLY A 408 -11.15 6.54 20.14
C GLY A 408 -12.40 7.04 20.83
N ARG A 409 -13.17 6.15 21.43
CA ARG A 409 -14.45 6.55 22.00
C ARG A 409 -14.32 6.98 23.46
N PHE A 410 -13.37 6.41 24.17
CA PHE A 410 -13.30 6.60 25.61
C PHE A 410 -12.05 7.35 26.07
N ASP A 411 -11.03 7.47 25.24
CA ASP A 411 -9.80 8.14 25.67
C ASP A 411 -9.52 9.45 24.95
N LEU A 412 -9.81 9.54 23.65
CA LEU A 412 -9.31 10.62 22.79
C LEU A 412 -10.47 11.42 22.24
N TYR A 413 -10.58 12.68 22.66
CA TYR A 413 -11.63 13.53 22.13
C TYR A 413 -11.50 13.67 20.61
N GLY A 414 -12.65 13.75 19.93
CA GLY A 414 -12.70 14.14 18.54
C GLY A 414 -12.44 12.99 17.59
N GLY A 415 -12.49 13.31 16.31
CA GLY A 415 -12.16 12.35 15.27
C GLY A 415 -10.66 12.09 15.24
N PHE A 416 -10.25 11.25 14.29
CA PHE A 416 -8.87 10.79 14.26
C PHE A 416 -7.88 11.96 14.15
N GLY A 417 -8.23 13.00 13.38
CA GLY A 417 -7.33 14.10 13.16
C GLY A 417 -7.40 15.24 14.16
N HIS A 418 -8.21 15.11 15.21
CA HIS A 418 -8.37 16.20 16.17
C HIS A 418 -7.09 16.55 16.95
N PRO A 419 -6.25 15.61 17.39
CA PRO A 419 -5.05 16.01 18.17
C PRO A 419 -4.17 17.00 17.44
N THR A 420 -3.68 17.99 18.19
CA THR A 420 -2.70 18.93 17.67
C THR A 420 -1.31 18.69 18.25
N GLU A 421 -1.11 17.53 18.87
CA GLU A 421 0.21 17.06 19.26
C GLU A 421 0.31 15.59 18.84
N ARG A 422 1.53 15.08 18.78
CA ARG A 422 1.75 13.71 18.35
C ARG A 422 1.25 12.73 19.40
N ILE A 423 0.54 11.70 18.95
CA ILE A 423 -0.11 10.79 19.89
C ILE A 423 0.02 9.35 19.39
N VAL A 424 0.84 9.14 18.35
CA VAL A 424 1.00 7.82 17.77
C VAL A 424 1.54 6.83 18.80
N TRP A 425 2.48 7.28 19.63
CA TRP A 425 3.04 6.38 20.65
C TRP A 425 1.94 5.84 21.54
N TRP A 426 1.00 6.71 21.94
CA TRP A 426 -0.09 6.27 22.80
C TRP A 426 -1.11 5.41 22.05
N SER A 427 -1.55 5.90 20.88
CA SER A 427 -2.58 5.17 20.13
C SER A 427 -2.13 3.75 19.82
N GLU A 428 -0.92 3.61 19.30
CA GLU A 428 -0.46 2.28 18.94
C GLU A 428 -0.01 1.50 20.16
N GLY A 429 0.63 2.17 21.12
CA GLY A 429 1.08 1.50 22.33
C GLY A 429 -0.07 0.93 23.14
N ILE A 430 -1.15 1.68 23.27
CA ILE A 430 -2.28 1.18 24.07
C ILE A 430 -2.99 0.06 23.32
N ALA A 431 -3.03 0.11 21.98
CA ALA A 431 -3.64 -0.99 21.23
C ALA A 431 -2.82 -2.28 21.41
N GLU A 432 -1.49 -2.16 21.43
CA GLU A 432 -0.66 -3.33 21.67
C GLU A 432 -0.74 -3.79 23.12
N TYR A 433 -0.76 -2.86 24.07
CA TYR A 433 -0.77 -3.25 25.48
C TYR A 433 -2.08 -3.93 25.86
N VAL A 434 -3.20 -3.34 25.47
CA VAL A 434 -4.49 -3.96 25.80
C VAL A 434 -4.65 -5.30 25.09
N SER A 435 -4.20 -5.41 23.84
CA SER A 435 -4.46 -6.63 23.10
C SER A 435 -3.47 -7.75 23.45
N LYS A 436 -2.22 -7.41 23.75
CA LYS A 436 -1.20 -8.42 24.01
C LYS A 436 -0.89 -8.61 25.49
N GLU A 437 -1.27 -7.65 26.35
CA GLU A 437 -1.02 -7.71 27.79
C GLU A 437 0.49 -7.84 27.98
N ASN A 438 1.01 -8.90 28.61
CA ASN A 438 2.45 -9.01 28.85
C ASN A 438 3.12 -10.05 27.96
N ASP A 439 2.41 -10.57 26.97
CA ASP A 439 2.96 -11.54 26.02
C ASP A 439 3.38 -10.77 24.77
N ASN A 440 4.67 -10.37 24.74
CA ASN A 440 5.19 -9.58 23.63
C ASN A 440 6.70 -9.83 23.51
N GLN A 441 7.05 -10.99 22.92
CA GLN A 441 8.47 -11.33 22.80
C GLN A 441 9.20 -10.35 21.88
N ALA A 442 8.54 -9.89 20.81
CA ALA A 442 9.17 -8.91 19.93
C ALA A 442 9.58 -7.64 20.68
N ALA A 443 8.78 -7.21 21.66
CA ALA A 443 9.14 -6.02 22.42
C ALA A 443 10.39 -6.27 23.26
N ILE A 444 10.49 -7.45 23.88
CA ILE A 444 11.71 -7.81 24.59
C ILE A 444 12.89 -7.85 23.63
N ASP A 445 12.70 -8.45 22.45
CA ASP A 445 13.81 -8.62 21.52
C ASP A 445 14.41 -7.28 21.09
N THR A 446 13.59 -6.24 20.96
CA THR A 446 14.14 -4.96 20.51
C THR A 446 14.88 -4.21 21.61
N ILE A 447 14.71 -4.58 22.87
CA ILE A 447 15.61 -4.13 23.92
C ILE A 447 16.91 -4.91 23.88
N LYS A 448 16.81 -6.24 23.79
CA LYS A 448 17.99 -7.11 23.82
C LYS A 448 18.96 -6.79 22.70
N ASP A 449 18.47 -6.38 21.52
CA ASP A 449 19.37 -6.19 20.40
C ASP A 449 20.35 -5.03 20.59
N GLY A 450 20.17 -4.22 21.62
CA GLY A 450 21.08 -3.14 21.94
C GLY A 450 20.65 -1.76 21.48
N SER A 451 19.72 -1.67 20.53
CA SER A 451 19.26 -0.39 20.01
C SER A 451 17.94 -0.03 20.67
N THR A 452 17.89 1.13 21.32
CA THR A 452 16.73 1.51 22.12
C THR A 452 16.34 2.95 21.81
N PHE A 453 15.20 3.34 22.37
CA PHE A 453 14.68 4.70 22.27
C PHE A 453 14.40 5.22 23.67
N THR A 454 14.57 6.53 23.83
CA THR A 454 14.18 7.19 25.07
C THR A 454 12.69 7.50 25.06
N LEU A 455 12.16 7.80 26.25
CA LEU A 455 10.79 8.28 26.35
C LEU A 455 10.58 9.51 25.47
N SER A 456 11.51 10.47 25.51
CA SER A 456 11.37 11.66 24.69
C SER A 456 11.26 11.33 23.21
N GLU A 457 12.08 10.39 22.73
CA GLU A 457 12.01 10.00 21.32
C GLU A 457 10.69 9.28 21.02
N ILE A 458 10.29 8.37 21.92
CA ILE A 458 9.05 7.63 21.68
C ILE A 458 7.87 8.58 21.53
N PHE A 459 7.82 9.63 22.36
CA PHE A 459 6.69 10.55 22.34
C PHE A 459 6.61 11.35 21.06
N GLU A 460 7.72 11.50 20.33
CA GLU A 460 7.75 12.20 19.06
C GLU A 460 7.47 11.31 17.86
N THR A 461 7.18 10.03 18.08
CA THR A 461 6.99 9.09 16.97
C THR A 461 5.85 9.53 16.06
N SER A 462 6.05 9.34 14.75
CA SER A 462 5.07 9.62 13.72
C SER A 462 4.91 8.38 12.85
N TYR A 463 3.85 8.37 12.03
CA TYR A 463 3.70 7.29 11.06
C TYR A 463 4.63 7.47 9.87
N ASP A 464 5.17 8.67 9.68
CA ASP A 464 5.94 9.01 8.49
C ASP A 464 7.05 8.00 8.21
N GLY A 465 8.01 7.87 9.13
CA GLY A 465 9.07 6.90 8.94
C GLY A 465 8.56 5.50 8.68
N PHE A 466 7.32 5.22 9.09
CA PHE A 466 6.80 3.86 9.23
C PHE A 466 7.86 2.95 9.84
N ASP A 467 8.37 3.38 10.99
CA ASP A 467 9.27 2.56 11.79
C ASP A 467 8.39 1.73 12.71
N VAL A 468 8.02 0.52 12.27
CA VAL A 468 7.10 -0.30 13.04
C VAL A 468 7.71 -0.72 14.37
N ASP A 469 9.03 -0.93 14.41
CA ASP A 469 9.74 -1.16 15.67
C ASP A 469 9.48 -0.04 16.67
N ARG A 470 9.68 1.21 16.24
CA ARG A 470 9.47 2.36 17.10
C ARG A 470 8.00 2.56 17.42
N ILE A 471 7.13 2.39 16.43
CA ILE A 471 5.71 2.68 16.61
C ILE A 471 5.08 1.66 17.55
N ALA A 472 5.15 0.38 17.18
CA ALA A 472 4.38 -0.68 17.83
C ALA A 472 5.10 -1.27 19.04
N ARG A 473 6.40 -1.55 18.91
CA ARG A 473 7.12 -2.18 20.01
C ARG A 473 7.48 -1.16 21.08
N TRP A 474 8.09 -0.04 20.68
CA TRP A 474 8.47 0.95 21.69
C TRP A 474 7.26 1.73 22.17
N GLY A 475 6.24 1.89 21.33
CA GLY A 475 4.98 2.43 21.85
C GLY A 475 4.43 1.58 22.98
N TYR A 476 4.42 0.26 22.77
CA TYR A 476 3.99 -0.69 23.79
C TYR A 476 4.86 -0.59 25.05
N LEU A 477 6.19 -0.61 24.88
CA LEU A 477 7.09 -0.54 26.03
C LEU A 477 6.83 0.70 26.88
N ALA A 478 6.71 1.86 26.25
CA ALA A 478 6.42 3.08 27.01
C ALA A 478 5.05 3.03 27.69
N VAL A 479 4.04 2.53 26.98
CA VAL A 479 2.72 2.45 27.61
C VAL A 479 2.76 1.46 28.77
N ARG A 480 3.34 0.27 28.55
CA ARG A 480 3.39 -0.71 29.61
C ARG A 480 4.15 -0.16 30.82
N PHE A 481 5.27 0.53 30.56
CA PHE A 481 6.04 1.12 31.65
C PHE A 481 5.19 2.08 32.47
N MET A 482 4.50 3.01 31.79
CA MET A 482 3.70 4.01 32.52
C MET A 482 2.57 3.36 33.29
N PHE A 483 1.93 2.33 32.73
CA PHE A 483 0.86 1.64 33.45
C PHE A 483 1.38 0.90 34.68
N GLU A 484 2.53 0.23 34.55
CA GLU A 484 3.05 -0.57 35.66
C GLU A 484 3.66 0.30 36.75
N ARG A 485 4.28 1.42 36.40
CA ARG A 485 5.05 2.22 37.34
C ARG A 485 4.45 3.58 37.66
N HIS A 486 3.53 4.08 36.84
CA HIS A 486 3.08 5.46 36.99
C HIS A 486 1.61 5.60 36.57
N LYS A 487 0.77 4.68 37.03
CA LYS A 487 -0.60 4.66 36.55
C LYS A 487 -1.34 5.95 36.89
N ASP A 488 -1.01 6.58 38.03
CA ASP A 488 -1.67 7.84 38.37
C ASP A 488 -1.35 8.94 37.35
N ASP A 489 -0.12 8.97 36.84
CA ASP A 489 0.20 9.92 35.77
C ASP A 489 -0.63 9.65 34.51
N VAL A 490 -0.83 8.38 34.18
CA VAL A 490 -1.63 8.03 33.00
C VAL A 490 -3.05 8.54 33.17
N ASN A 491 -3.65 8.28 34.34
CA ASN A 491 -4.98 8.81 34.64
C ASN A 491 -5.01 10.33 34.51
N GLN A 492 -3.93 10.99 34.90
CA GLN A 492 -3.85 12.43 34.80
C GLN A 492 -3.76 12.87 33.34
N MET A 493 -2.98 12.14 32.53
CA MET A 493 -2.91 12.43 31.09
C MET A 493 -4.26 12.24 30.41
N LEU A 494 -4.99 11.20 30.80
CA LEU A 494 -6.28 10.88 30.18
C LEU A 494 -7.35 11.92 30.46
N ILE A 495 -7.25 12.65 31.57
CA ILE A 495 -8.18 13.76 31.78
C ILE A 495 -8.05 14.77 30.65
N GLU A 496 -6.80 15.03 30.21
CA GLU A 496 -6.57 15.98 29.14
C GLU A 496 -6.95 15.43 27.77
N THR A 497 -6.56 14.19 27.47
CA THR A 497 -6.88 13.65 26.14
C THR A 497 -8.38 13.46 25.98
N ARG A 498 -9.08 13.08 27.05
CA ARG A 498 -10.52 12.89 26.96
C ARG A 498 -11.24 14.19 26.62
N GLN A 499 -10.66 15.33 26.98
CA GLN A 499 -11.28 16.61 26.69
C GLN A 499 -10.69 17.29 25.46
N GLY A 500 -9.67 16.72 24.84
CA GLY A 500 -9.05 17.40 23.72
C GLY A 500 -8.10 18.52 24.12
N ASN A 501 -7.61 18.51 25.37
CA ASN A 501 -6.62 19.48 25.84
C ASN A 501 -5.23 19.01 25.43
N TRP A 502 -4.97 19.09 24.13
CA TRP A 502 -3.76 18.46 23.61
C TRP A 502 -2.48 19.17 24.09
N ALA A 503 -2.54 20.47 24.34
CA ALA A 503 -1.38 21.15 24.89
C ALA A 503 -1.09 20.66 26.30
N ASN A 504 -2.12 20.52 27.15
CA ASN A 504 -1.91 19.97 28.48
C ASN A 504 -1.36 18.55 28.40
N TYR A 505 -1.89 17.74 27.48
CA TYR A 505 -1.37 16.40 27.26
C TYR A 505 0.13 16.44 26.97
N LYS A 506 0.54 17.32 26.04
CA LYS A 506 1.95 17.42 25.69
C LYS A 506 2.80 17.88 26.87
N ALA A 507 2.37 18.94 27.55
CA ALA A 507 3.08 19.39 28.75
C ALA A 507 3.16 18.29 29.79
N THR A 508 2.15 17.42 29.86
CA THR A 508 2.16 16.36 30.85
C THR A 508 3.19 15.29 30.51
N ILE A 509 3.24 14.84 29.25
CA ILE A 509 4.19 13.79 28.93
C ILE A 509 5.60 14.35 28.78
N ASN A 510 5.72 15.65 28.48
CA ASN A 510 7.03 16.28 28.49
C ASN A 510 7.69 16.11 29.86
N GLN A 511 6.91 16.26 30.93
CA GLN A 511 7.42 16.02 32.29
C GLN A 511 7.92 14.59 32.44
N TRP A 512 7.17 13.63 31.90
CA TRP A 512 7.58 12.23 32.01
C TRP A 512 8.93 11.98 31.35
N ALA A 513 9.14 12.58 30.17
CA ALA A 513 10.34 12.26 29.38
C ALA A 513 11.61 12.70 30.09
N ILE A 514 11.52 13.74 30.92
CA ILE A 514 12.69 14.19 31.69
C ILE A 514 12.82 13.43 33.01
N LEU A 515 11.72 13.22 33.73
CA LEU A 515 11.82 12.62 35.06
C LEU A 515 12.15 11.13 35.00
N TYR A 516 11.50 10.38 34.10
CA TYR A 516 11.41 8.93 34.22
C TYR A 516 12.36 8.16 33.33
N GLN A 517 13.19 8.85 32.55
CA GLN A 517 14.04 8.16 31.57
C GLN A 517 14.91 7.09 32.23
N SER A 518 15.54 7.41 33.36
CA SER A 518 16.44 6.42 33.96
C SER A 518 15.66 5.24 34.53
N GLU A 519 14.50 5.49 35.14
CA GLU A 519 13.67 4.37 35.60
C GLU A 519 13.15 3.53 34.43
N PHE A 520 12.74 4.20 33.35
CA PHE A 520 12.37 3.48 32.13
C PHE A 520 13.47 2.52 31.72
N GLU A 521 14.73 2.97 31.81
CA GLU A 521 15.85 2.11 31.46
C GLU A 521 15.98 0.93 32.43
N GLN A 522 15.78 1.16 33.73
CA GLN A 522 15.82 0.04 34.68
C GLN A 522 14.66 -0.92 34.46
N TRP A 523 13.49 -0.38 34.13
CA TRP A 523 12.35 -1.25 33.86
C TRP A 523 12.65 -2.18 32.68
N GLN A 524 13.25 -1.65 31.60
CA GLN A 524 13.65 -2.50 30.48
C GLN A 524 14.59 -3.60 30.94
N GLN A 525 15.52 -3.26 31.82
CA GLN A 525 16.47 -4.24 32.35
C GLN A 525 15.75 -5.38 33.05
N ALA A 526 14.86 -5.04 33.98
CA ALA A 526 14.09 -6.08 34.66
C ALA A 526 13.33 -6.94 33.67
N LEU A 527 12.76 -6.33 32.63
CA LEU A 527 12.00 -7.09 31.64
C LEU A 527 12.90 -8.07 30.89
N VAL A 528 14.10 -7.63 30.52
CA VAL A 528 15.04 -8.52 29.83
C VAL A 528 15.47 -9.64 30.76
N LEU A 529 15.84 -9.30 32.00
CA LEU A 529 16.32 -10.29 32.94
C LEU A 529 15.26 -11.34 33.26
N GLU A 530 13.99 -10.91 33.35
CA GLU A 530 12.91 -11.87 33.53
C GLU A 530 12.89 -12.90 32.41
N HIS A 531 13.08 -12.43 31.17
CA HIS A 531 13.18 -13.34 30.04
C HIS A 531 14.42 -14.22 30.14
N HIS A 532 15.51 -13.67 30.72
CA HIS A 532 16.86 -14.26 30.91
C HIS A 532 17.76 -14.12 29.67
N LEU B 1 -9.34 4.12 -8.46
CA LEU B 1 -8.43 5.19 -8.08
C LEU B 1 -7.08 4.63 -7.76
N SER B 2 -7.09 3.45 -7.13
CA SER B 2 -5.87 2.84 -6.64
C SER B 2 -4.84 2.71 -7.76
N GLU B 3 -3.56 2.70 -7.37
CA GLU B 3 -2.53 2.30 -8.31
C GLU B 3 -2.86 0.91 -8.86
N PRO B 4 -2.39 0.57 -10.06
CA PRO B 4 -2.54 -0.81 -10.52
C PRO B 4 -1.85 -1.76 -9.55
N SER B 5 -2.43 -2.96 -9.41
CA SER B 5 -1.89 -3.97 -8.51
C SER B 5 -0.76 -4.76 -9.19
N GLN B 6 0.30 -5.02 -8.44
CA GLN B 6 1.36 -5.88 -8.93
C GLN B 6 0.88 -7.33 -8.96
N GLN B 7 1.71 -8.21 -9.53
CA GLN B 7 1.31 -9.62 -9.63
C GLN B 7 1.14 -10.25 -8.24
N VAL B 8 1.88 -9.78 -7.25
CA VAL B 8 1.83 -10.31 -5.89
C VAL B 8 1.41 -9.19 -4.95
N THR B 9 0.39 -9.45 -4.12
CA THR B 9 -0.07 -8.51 -3.11
C THR B 9 0.04 -9.15 -1.73
N GLU B 10 0.68 -8.45 -0.79
CA GLU B 10 0.95 -9.00 0.52
C GLU B 10 -0.33 -9.09 1.36
N ILE B 11 -0.52 -10.25 1.99
CA ILE B 11 -1.68 -10.53 2.82
C ILE B 11 -1.52 -10.07 4.26
N TYR B 12 -0.29 -10.17 4.81
CA TYR B 12 -0.09 -9.92 6.23
C TYR B 12 0.58 -8.58 6.46
N GLN B 13 -0.11 -7.51 6.09
CA GLN B 13 0.41 -6.16 6.22
C GLN B 13 -0.04 -5.53 7.52
N HIS B 14 0.57 -4.38 7.84
CA HIS B 14 0.10 -3.53 8.92
C HIS B 14 -1.05 -2.65 8.44
N HIS B 15 -1.87 -2.20 9.40
CA HIS B 15 -3.03 -1.38 9.07
C HIS B 15 -2.62 0.01 8.58
N ALA B 16 -3.60 0.74 8.07
CA ALA B 16 -3.45 2.17 7.82
C ALA B 16 -4.43 2.92 8.72
N HIS B 17 -4.93 4.07 8.26
CA HIS B 17 -5.85 4.88 9.07
C HIS B 17 -6.56 5.88 8.17
N GLN B 18 -7.27 6.82 8.79
CA GLN B 18 -7.72 8.07 8.17
C GLN B 18 -8.90 7.92 7.23
N ASN B 19 -8.73 8.32 5.97
CA ASN B 19 -9.85 8.71 5.13
C ASN B 19 -10.66 7.51 4.67
N GLY B 20 -11.97 7.58 4.93
CA GLY B 20 -12.96 6.66 4.40
C GLY B 20 -14.30 7.35 4.33
N ASN B 21 -14.43 8.28 3.38
CA ASN B 21 -15.59 9.16 3.31
C ASN B 21 -16.65 8.63 2.34
N ASP C 1 -0.62 10.02 -4.97
CA ASP C 1 0.76 10.47 -5.08
C ASP C 1 1.54 9.61 -6.04
N TYR C 2 2.17 10.23 -7.03
CA TYR C 2 3.06 9.46 -7.90
C TYR C 2 4.27 8.97 -7.10
N ALA C 3 4.68 7.73 -7.39
CA ALA C 3 5.87 7.11 -6.80
C ALA C 3 6.52 6.20 -7.84
N PRO C 4 7.83 6.33 -8.07
CA PRO C 4 8.50 5.44 -9.04
C PRO C 4 8.66 4.03 -8.50
N THR C 5 8.57 3.06 -9.42
CA THR C 5 8.53 1.66 -9.02
C THR C 5 9.87 1.23 -8.43
N LYS C 6 9.79 0.42 -7.37
CA LYS C 6 10.99 -0.22 -6.83
C LYS C 6 11.20 -1.55 -7.55
N LEU C 7 11.04 -2.67 -6.86
CA LEU C 7 11.29 -3.98 -7.46
C LEU C 7 9.99 -4.66 -7.84
N LEU C 8 10.08 -5.53 -8.86
CA LEU C 8 8.99 -6.37 -9.34
C LEU C 8 9.05 -7.73 -8.67
N PRO C 9 7.89 -8.37 -8.49
CA PRO C 9 7.85 -9.68 -7.80
C PRO C 9 8.42 -10.79 -8.66
N GLN C 10 9.37 -11.54 -8.09
CA GLN C 10 9.98 -12.68 -8.76
C GLN C 10 9.10 -13.92 -8.62
N GLN C 11 9.39 -14.91 -9.45
CA GLN C 11 8.57 -16.12 -9.50
C GLN C 11 8.83 -16.98 -8.27
N PRO C 12 7.77 -17.45 -7.57
CA PRO C 12 7.89 -18.36 -6.42
C PRO C 12 8.18 -19.80 -6.85
C1 GOL D . 20.63 10.96 -26.73
O1 GOL D . 21.76 11.00 -25.93
C2 GOL D . 21.05 11.46 -28.14
O2 GOL D . 22.08 10.69 -28.68
C3 GOL D . 19.76 11.38 -28.98
O3 GOL D . 18.75 11.87 -28.18
C1 GOL E . -0.41 -12.65 -31.05
O1 GOL E . -1.47 -12.30 -30.20
C2 GOL E . 0.49 -11.41 -31.15
O2 GOL E . 0.15 -10.59 -32.19
C3 GOL E . 1.96 -11.91 -31.19
O3 GOL E . 2.79 -10.88 -30.67
C1 GOL F . -24.43 3.19 14.93
O1 GOL F . -23.63 2.20 14.34
C2 GOL F . -23.63 3.80 16.15
O2 GOL F . -22.73 2.89 16.67
C3 GOL F . -22.83 5.01 15.57
O3 GOL F . -23.62 6.16 15.63
C1 GOL G . 7.33 9.94 -14.07
O1 GOL G . 8.34 9.70 -13.10
C2 GOL G . 7.16 11.47 -14.25
O2 GOL G . 8.37 12.13 -14.50
C3 GOL G . 6.13 11.63 -15.40
O3 GOL G . 6.15 12.96 -15.81
C1 GOL H . -2.95 14.76 -11.41
O1 GOL H . -3.95 15.63 -10.94
C2 GOL H . -2.83 13.60 -10.38
O2 GOL H . -2.46 14.05 -9.12
C3 GOL H . -4.22 12.89 -10.36
O3 GOL H . -4.45 12.49 -9.04
C1 GOL I . -9.70 21.03 32.21
O1 GOL I . -10.31 21.27 30.96
C2 GOL I . -8.19 21.43 32.14
O2 GOL I . -8.02 22.80 32.21
C3 GOL I . -7.51 20.69 33.33
O3 GOL I . -8.06 19.40 33.39
C1 GOL J . 3.32 -17.37 -27.98
O1 GOL J . 4.46 -18.01 -28.47
C2 GOL J . 2.89 -16.25 -28.98
O2 GOL J . 3.89 -15.27 -29.19
C3 GOL J . 1.58 -15.65 -28.39
O3 GOL J . 0.51 -16.31 -29.03
C1 GOL K . -10.98 -19.71 7.71
O1 GOL K . -9.84 -18.91 7.78
C2 GOL K . -11.06 -20.54 9.04
O2 GOL K . -12.05 -21.53 9.01
C3 GOL K . -9.64 -21.11 9.22
O3 GOL K . -9.78 -22.25 10.02
CA CA L . -12.33 10.11 19.51
CA CA M . -14.05 -17.40 5.66
CA CA N . 16.10 -2.48 19.12
ZN ZN O . -2.77 0.37 15.34
#